data_4EQE
#
_entry.id   4EQE
#
_cell.length_a   79.001
_cell.length_b   46.409
_cell.length_c   64.225
_cell.angle_alpha   90.000
_cell.angle_beta   95.460
_cell.angle_gamma   90.000
#
_symmetry.space_group_name_H-M   'C 1 2 1'
#
loop_
_entity.id
_entity.type
_entity.pdbx_description
1 polymer 'Histidine triad nucleotide-binding protein 1'
2 non-polymer '4-(2-HYDROXYETHYL)-1-PIPERAZINE ETHANESULFONIC ACID'
3 non-polymer "5'-O-[(L-LYSYLAMINO)SULFONYL]ADENOSINE"
4 water water
#
_entity_poly.entity_id   1
_entity_poly.type   'polypeptide(L)'
_entity_poly.pdbx_seq_one_letter_code
;SLMADEIAKAQVARPGGDTIFGKIIRKEIPAKIIFEDDRCLAFHDISPQAPTHFLVIPKKHISQISVAEDDDESLLGHLM
IVGKKCAADLGLNKGYRMVVNEGSDGGQSVYHVHLHVLGGRQMHWPPG
;
_entity_poly.pdbx_strand_id   A,B
#
loop_
_chem_comp.id
_chem_comp.type
_chem_comp.name
_chem_comp.formula
EPE non-polymer '4-(2-HYDROXYETHYL)-1-PIPERAZINE ETHANESULFONIC ACID' 'C8 H18 N2 O4 S'
KAA non-polymer 5'-O-[(L-LYSYLAMINO)SULFONYL]ADENOSINE 'C16 H26 N8 O7 S'
#
# COMPACT_ATOMS: atom_id res chain seq x y z
CA PRO A 15 -6.35 -18.20 15.22
C PRO A 15 -6.59 -17.90 13.75
N GLY A 16 -6.14 -16.72 13.30
CA GLY A 16 -6.38 -16.28 11.94
C GLY A 16 -7.60 -15.39 11.86
N GLY A 17 -8.41 -15.40 12.91
CA GLY A 17 -9.52 -14.48 13.02
C GLY A 17 -10.90 -15.00 12.67
N ASP A 18 -11.88 -14.17 12.98
CA ASP A 18 -13.30 -14.48 12.80
C ASP A 18 -13.86 -13.83 11.54
N THR A 19 -13.14 -13.96 10.43
CA THR A 19 -13.63 -13.48 9.14
C THR A 19 -13.44 -14.57 8.11
N ILE A 20 -13.99 -14.33 6.92
CA ILE A 20 -13.84 -15.27 5.82
C ILE A 20 -12.36 -15.48 5.47
N PHE A 21 -11.54 -14.46 5.67
CA PHE A 21 -10.10 -14.63 5.44
C PHE A 21 -9.44 -15.57 6.46
N GLY A 22 -9.94 -15.58 7.70
CA GLY A 22 -9.50 -16.58 8.68
C GLY A 22 -9.82 -17.97 8.20
N LYS A 23 -11.01 -18.18 7.63
CA LYS A 23 -11.39 -19.48 7.10
C LYS A 23 -10.46 -19.90 5.96
N ILE A 24 -10.06 -18.95 5.13
CA ILE A 24 -9.15 -19.25 4.04
C ILE A 24 -7.78 -19.67 4.58
N ILE A 25 -7.27 -18.91 5.55
CA ILE A 25 -6.01 -19.25 6.23
C ILE A 25 -6.02 -20.64 6.85
N ARG A 26 -7.15 -21.01 7.47
CA ARG A 26 -7.27 -22.30 8.12
C ARG A 26 -7.58 -23.44 7.16
N LYS A 27 -7.70 -23.09 5.88
CA LYS A 27 -8.00 -24.03 4.80
C LYS A 27 -9.41 -24.63 4.91
N GLU A 28 -10.31 -23.90 5.56
CA GLU A 28 -11.67 -24.40 5.76
C GLU A 28 -12.54 -24.17 4.55
N ILE A 29 -12.20 -23.16 3.75
CA ILE A 29 -12.89 -22.95 2.48
C ILE A 29 -11.82 -22.76 1.40
N PRO A 30 -12.16 -23.09 0.16
CA PRO A 30 -11.15 -23.03 -0.89
C PRO A 30 -10.80 -21.61 -1.37
N ALA A 31 -9.57 -21.50 -1.85
CA ALA A 31 -9.06 -20.29 -2.48
C ALA A 31 -7.97 -20.70 -3.44
N LYS A 32 -7.76 -19.90 -4.48
CA LYS A 32 -6.69 -20.17 -5.43
C LYS A 32 -5.41 -19.54 -4.90
N ILE A 33 -4.64 -20.34 -4.18
CA ILE A 33 -3.45 -19.86 -3.49
C ILE A 33 -2.26 -19.75 -4.44
N ILE A 34 -1.61 -18.58 -4.37
CA ILE A 34 -0.47 -18.25 -5.21
C ILE A 34 0.83 -18.49 -4.46
N PHE A 35 0.84 -18.13 -3.18
CA PHE A 35 2.04 -18.26 -2.36
C PHE A 35 1.65 -18.35 -0.90
N GLU A 36 2.46 -19.08 -0.12
CA GLU A 36 2.25 -19.16 1.30
C GLU A 36 3.59 -19.27 2.00
N ASP A 37 3.71 -18.65 3.18
CA ASP A 37 4.83 -18.96 4.06
C ASP A 37 4.31 -19.11 5.50
N ASP A 38 5.17 -18.92 6.49
CA ASP A 38 4.73 -19.11 7.88
C ASP A 38 3.92 -17.94 8.42
N ARG A 39 3.87 -16.84 7.69
CA ARG A 39 3.30 -15.60 8.24
C ARG A 39 2.37 -14.84 7.30
N CYS A 40 2.17 -15.35 6.08
CA CYS A 40 1.27 -14.69 5.15
C CYS A 40 0.79 -15.65 4.07
N LEU A 41 -0.20 -15.19 3.31
CA LEU A 41 -0.85 -16.00 2.29
C LEU A 41 -1.26 -15.07 1.17
N ALA A 42 -1.01 -15.49 -0.08
CA ALA A 42 -1.46 -14.72 -1.25
C ALA A 42 -2.38 -15.60 -2.07
N PHE A 43 -3.52 -15.03 -2.48
CA PHE A 43 -4.52 -15.80 -3.22
C PHE A 43 -5.32 -14.88 -4.12
N HIS A 44 -5.86 -15.44 -5.21
CA HIS A 44 -6.63 -14.62 -6.13
C HIS A 44 -7.93 -14.14 -5.52
N ASP A 45 -8.30 -12.90 -5.80
CA ASP A 45 -9.54 -12.38 -5.28
C ASP A 45 -10.74 -13.02 -5.97
N ILE A 46 -11.78 -13.30 -5.18
CA ILE A 46 -12.99 -13.95 -5.72
C ILE A 46 -13.83 -13.02 -6.61
N SER A 47 -13.64 -11.72 -6.47
CA SER A 47 -14.34 -10.74 -7.30
CA SER A 47 -14.33 -10.74 -7.28
C SER A 47 -13.31 -9.86 -8.00
N PRO A 48 -12.59 -10.42 -8.97
CA PRO A 48 -11.48 -9.68 -9.58
C PRO A 48 -11.91 -8.43 -10.35
N GLN A 49 -11.13 -7.36 -10.19
CA GLN A 49 -11.41 -6.07 -10.82
C GLN A 49 -10.43 -5.76 -11.94
N ALA A 50 -9.55 -6.72 -12.24
CA ALA A 50 -8.58 -6.59 -13.31
C ALA A 50 -8.22 -8.00 -13.76
N PRO A 51 -7.59 -8.14 -14.93
CA PRO A 51 -7.28 -9.49 -15.41
C PRO A 51 -6.47 -10.31 -14.40
N THR A 52 -5.60 -9.64 -13.65
CA THR A 52 -4.95 -10.23 -12.49
C THR A 52 -5.32 -9.40 -11.27
N HIS A 53 -5.86 -10.05 -10.25
CA HIS A 53 -6.22 -9.36 -9.04
C HIS A 53 -6.12 -10.35 -7.89
N PHE A 54 -5.13 -10.15 -7.03
CA PHE A 54 -4.94 -11.05 -5.89
C PHE A 54 -4.75 -10.27 -4.61
N LEU A 55 -4.80 -10.97 -3.48
CA LEU A 55 -4.62 -10.40 -2.16
C LEU A 55 -3.43 -11.04 -1.47
N VAL A 56 -2.75 -10.25 -0.64
CA VAL A 56 -1.73 -10.78 0.26
C VAL A 56 -2.18 -10.40 1.67
N ILE A 57 -2.31 -11.39 2.54
CA ILE A 57 -2.79 -11.15 3.89
C ILE A 57 -1.85 -11.76 4.93
N PRO A 58 -1.75 -11.11 6.11
CA PRO A 58 -0.96 -11.70 7.21
C PRO A 58 -1.75 -12.82 7.84
N LYS A 59 -1.07 -13.83 8.36
CA LYS A 59 -1.75 -14.86 9.13
C LYS A 59 -2.18 -14.35 10.51
N LYS A 60 -1.43 -13.39 11.04
CA LYS A 60 -1.81 -12.71 12.28
C LYS A 60 -3.06 -11.88 12.02
N HIS A 61 -4.05 -12.00 12.91
CA HIS A 61 -5.26 -11.23 12.69
C HIS A 61 -5.10 -9.79 13.14
N ILE A 62 -4.75 -8.94 12.19
CA ILE A 62 -4.78 -7.51 12.38
C ILE A 62 -6.04 -7.10 11.64
N SER A 63 -6.99 -6.48 12.34
CA SER A 63 -8.30 -6.23 11.73
C SER A 63 -8.30 -5.15 10.65
N GLN A 64 -7.40 -4.19 10.79
CA GLN A 64 -7.34 -3.08 9.84
C GLN A 64 -6.02 -2.35 10.05
N ILE A 65 -5.55 -1.68 9.00
CA ILE A 65 -4.24 -1.06 9.07
C ILE A 65 -4.17 -0.01 10.20
N SER A 66 -5.31 0.61 10.52
CA SER A 66 -5.31 1.67 11.54
C SER A 66 -4.94 1.15 12.94
N VAL A 67 -5.03 -0.16 13.15
CA VAL A 67 -4.65 -0.70 14.46
C VAL A 67 -3.32 -1.46 14.44
N ALA A 68 -2.62 -1.44 13.31
CA ALA A 68 -1.28 -2.03 13.27
C ALA A 68 -0.33 -1.23 14.17
N GLU A 69 0.68 -1.89 14.72
CA GLU A 69 1.65 -1.20 15.57
C GLU A 69 3.05 -1.17 14.97
N ASP A 70 3.96 -0.39 15.56
CA ASP A 70 5.33 -0.32 15.05
C ASP A 70 5.94 -1.72 14.93
N ASP A 71 5.61 -2.61 15.85
CA ASP A 71 6.20 -3.96 15.84
C ASP A 71 5.77 -4.77 14.62
N ASP A 72 4.69 -4.33 13.97
CA ASP A 72 4.20 -4.97 12.76
C ASP A 72 4.89 -4.49 11.48
N GLU A 73 5.82 -3.53 11.59
CA GLU A 73 6.35 -2.91 10.37
C GLU A 73 6.98 -3.91 9.40
N SER A 74 7.79 -4.85 9.89
CA SER A 74 8.45 -5.77 8.97
CA SER A 74 8.45 -5.80 9.00
C SER A 74 7.43 -6.72 8.34
N LEU A 75 6.45 -7.16 9.12
CA LEU A 75 5.37 -7.99 8.59
C LEU A 75 4.60 -7.26 7.48
N LEU A 76 4.25 -6.00 7.69
CA LEU A 76 3.54 -5.25 6.67
C LEU A 76 4.40 -5.08 5.41
N GLY A 77 5.68 -4.80 5.59
CA GLY A 77 6.57 -4.71 4.45
C GLY A 77 6.72 -6.05 3.75
N HIS A 78 6.70 -7.13 4.52
CA HIS A 78 6.73 -8.47 3.93
C HIS A 78 5.54 -8.71 2.99
N LEU A 79 4.37 -8.20 3.35
CA LEU A 79 3.22 -8.33 2.46
C LEU A 79 3.48 -7.67 1.12
N MET A 80 4.12 -6.50 1.14
CA MET A 80 4.41 -5.79 -0.10
CA MET A 80 4.41 -5.78 -0.10
C MET A 80 5.49 -6.49 -0.92
N ILE A 81 6.51 -7.03 -0.25
CA ILE A 81 7.56 -7.75 -0.96
C ILE A 81 7.00 -9.05 -1.58
N VAL A 82 6.23 -9.80 -0.81
CA VAL A 82 5.54 -10.95 -1.36
C VAL A 82 4.62 -10.53 -2.53
N GLY A 83 3.90 -9.42 -2.38
CA GLY A 83 3.03 -8.94 -3.45
C GLY A 83 3.80 -8.64 -4.73
N LYS A 84 4.94 -7.96 -4.61
CA LYS A 84 5.66 -7.62 -5.83
C LYS A 84 6.31 -8.87 -6.47
N LYS A 85 6.73 -9.83 -5.66
CA LYS A 85 7.28 -11.07 -6.20
C LYS A 85 6.21 -11.89 -6.92
N CYS A 86 5.02 -11.96 -6.32
CA CYS A 86 3.91 -12.67 -6.94
C CYS A 86 3.50 -12.00 -8.26
N ALA A 87 3.46 -10.67 -8.24
CA ALA A 87 3.14 -9.91 -9.46
C ALA A 87 4.10 -10.26 -10.59
N ALA A 88 5.40 -10.30 -10.28
CA ALA A 88 6.38 -10.67 -11.28
C ALA A 88 6.15 -12.11 -11.77
N ASP A 89 5.91 -13.02 -10.83
CA ASP A 89 5.68 -14.42 -11.20
C ASP A 89 4.43 -14.61 -12.06
N LEU A 90 3.45 -13.74 -11.88
CA LEU A 90 2.22 -13.79 -12.65
C LEU A 90 2.33 -13.01 -13.96
N GLY A 91 3.53 -12.54 -14.26
CA GLY A 91 3.81 -11.90 -15.54
C GLY A 91 3.37 -10.45 -15.71
N LEU A 92 3.20 -9.74 -14.59
CA LEU A 92 2.77 -8.34 -14.65
C LEU A 92 3.92 -7.39 -14.94
N ASN A 93 4.53 -7.56 -16.11
CA ASN A 93 5.72 -6.80 -16.48
C ASN A 93 5.47 -5.38 -16.98
N LYS A 94 4.20 -5.01 -17.17
CA LYS A 94 3.85 -3.63 -17.53
C LYS A 94 3.40 -2.81 -16.33
N GLY A 95 3.38 -3.41 -15.14
CA GLY A 95 3.03 -2.69 -13.94
C GLY A 95 1.76 -3.17 -13.27
N TYR A 96 1.38 -2.48 -12.19
CA TYR A 96 0.26 -2.90 -11.38
C TYR A 96 0.00 -1.86 -10.29
N ARG A 97 -1.05 -2.07 -9.51
CA ARG A 97 -1.38 -1.17 -8.43
C ARG A 97 -1.59 -1.97 -7.16
N MET A 98 -1.03 -1.49 -6.05
CA MET A 98 -1.29 -2.07 -4.73
C MET A 98 -2.23 -1.18 -3.96
N VAL A 99 -3.16 -1.80 -3.22
CA VAL A 99 -4.15 -1.02 -2.49
C VAL A 99 -4.43 -1.61 -1.12
N VAL A 100 -4.47 -0.76 -0.10
CA VAL A 100 -5.01 -1.16 1.21
C VAL A 100 -6.17 -0.27 1.55
N ASN A 101 -7.32 -0.88 1.82
CA ASN A 101 -8.52 -0.13 2.19
C ASN A 101 -8.69 -0.12 3.70
N GLU A 102 -9.00 1.05 4.25
CA GLU A 102 -9.30 1.20 5.67
C GLU A 102 -10.68 1.77 5.92
N GLY A 103 -11.49 1.03 6.68
CA GLY A 103 -12.76 1.56 7.14
C GLY A 103 -13.82 1.83 6.08
N SER A 104 -14.85 2.56 6.48
CA SER A 104 -16.00 2.85 5.62
C SER A 104 -15.61 3.64 4.38
N ASP A 105 -14.94 4.77 4.58
CA ASP A 105 -14.59 5.60 3.43
C ASP A 105 -13.58 4.89 2.52
N GLY A 106 -12.75 4.03 3.09
CA GLY A 106 -11.79 3.29 2.29
C GLY A 106 -12.40 2.14 1.53
N GLY A 107 -13.64 1.78 1.88
CA GLY A 107 -14.32 0.68 1.22
C GLY A 107 -13.81 -0.69 1.65
N GLN A 108 -13.30 -0.78 2.88
CA GLN A 108 -12.75 -2.03 3.38
C GLN A 108 -13.86 -3.07 3.53
N SER A 109 -13.70 -4.19 2.86
CA SER A 109 -14.80 -5.17 2.80
C SER A 109 -14.73 -6.29 3.83
N VAL A 110 -13.52 -6.58 4.31
CA VAL A 110 -13.28 -7.64 5.31
C VAL A 110 -12.35 -7.06 6.37
N TYR A 111 -12.69 -7.24 7.64
CA TYR A 111 -11.87 -6.67 8.71
C TYR A 111 -10.75 -7.62 9.12
N HIS A 112 -9.91 -7.88 8.13
CA HIS A 112 -8.64 -8.57 8.27
C HIS A 112 -7.77 -7.87 7.25
N VAL A 113 -6.66 -7.26 7.69
CA VAL A 113 -5.79 -6.50 6.80
CA VAL A 113 -5.89 -6.45 6.77
C VAL A 113 -5.46 -7.26 5.53
N HIS A 114 -5.60 -6.61 4.38
CA HIS A 114 -5.29 -7.26 3.11
C HIS A 114 -4.75 -6.26 2.10
N LEU A 115 -3.72 -6.69 1.38
CA LEU A 115 -3.11 -5.89 0.33
C LEU A 115 -3.62 -6.39 -1.03
N HIS A 116 -4.33 -5.54 -1.76
CA HIS A 116 -4.76 -5.87 -3.13
C HIS A 116 -3.61 -5.61 -4.07
N VAL A 117 -3.47 -6.47 -5.07
CA VAL A 117 -2.55 -6.24 -6.18
C VAL A 117 -3.33 -6.46 -7.47
N LEU A 118 -3.42 -5.42 -8.29
CA LEU A 118 -4.21 -5.46 -9.52
C LEU A 118 -3.37 -5.10 -10.72
N GLY A 119 -3.51 -5.85 -11.81
CA GLY A 119 -2.83 -5.52 -13.04
C GLY A 119 -3.40 -6.26 -14.24
N GLY A 120 -2.71 -6.13 -15.37
CA GLY A 120 -3.17 -6.77 -16.59
C GLY A 120 -4.06 -5.88 -17.44
N ARG A 121 -4.26 -4.65 -16.96
CA ARG A 121 -4.95 -3.60 -17.70
C ARG A 121 -4.42 -2.28 -17.22
N GLN A 122 -4.69 -1.22 -17.96
CA GLN A 122 -4.38 0.11 -17.48
C GLN A 122 -5.23 0.42 -16.25
N MET A 123 -4.57 0.79 -15.16
CA MET A 123 -5.28 1.29 -13.99
C MET A 123 -5.40 2.81 -14.12
N HIS A 124 -6.53 3.35 -13.67
CA HIS A 124 -6.86 4.74 -13.95
C HIS A 124 -6.72 5.63 -12.72
N TRP A 125 -6.91 6.93 -12.91
CA TRP A 125 -6.73 7.91 -11.85
C TRP A 125 -7.93 8.85 -11.90
N PRO A 126 -8.57 9.10 -10.75
CA PRO A 126 -8.22 8.70 -9.38
C PRO A 126 -8.43 7.21 -9.11
N PRO A 127 -7.83 6.69 -8.03
CA PRO A 127 -7.92 5.25 -7.71
C PRO A 127 -9.19 4.97 -6.94
N GLY A 128 -10.33 5.25 -7.57
CA GLY A 128 -11.61 5.18 -6.88
C GLY A 128 -11.95 6.53 -6.28
N ARG B 14 22.97 11.65 -4.73
CA ARG B 14 22.85 12.33 -3.45
C ARG B 14 21.76 11.71 -2.59
N PRO B 15 21.72 12.09 -1.32
CA PRO B 15 20.68 11.58 -0.42
C PRO B 15 19.30 11.98 -0.95
N GLY B 16 18.47 10.99 -1.22
CA GLY B 16 17.12 11.25 -1.70
C GLY B 16 16.87 11.00 -3.18
N GLY B 17 17.95 10.91 -3.97
CA GLY B 17 17.80 10.64 -5.38
C GLY B 17 17.52 11.84 -6.27
N ASP B 18 17.38 11.57 -7.58
CA ASP B 18 17.29 12.63 -8.59
C ASP B 18 15.88 13.14 -8.90
N THR B 19 14.86 12.41 -8.50
CA THR B 19 13.51 12.79 -8.86
C THR B 19 13.10 14.04 -8.11
N ILE B 20 11.93 14.56 -8.45
CA ILE B 20 11.38 15.71 -7.77
CA ILE B 20 11.40 15.72 -7.76
C ILE B 20 11.22 15.42 -6.27
N PHE B 21 11.02 14.15 -5.93
CA PHE B 21 10.86 13.78 -4.52
C PHE B 21 12.20 13.92 -3.76
N GLY B 22 13.31 13.67 -4.44
CA GLY B 22 14.62 13.94 -3.87
C GLY B 22 14.80 15.42 -3.57
N LYS B 23 14.36 16.27 -4.50
CA LYS B 23 14.39 17.71 -4.30
C LYS B 23 13.58 18.09 -3.06
N ILE B 24 12.43 17.47 -2.88
CA ILE B 24 11.59 17.70 -1.71
C ILE B 24 12.29 17.24 -0.42
N ILE B 25 12.85 16.04 -0.44
CA ILE B 25 13.60 15.54 0.71
C ILE B 25 14.72 16.49 1.14
N ARG B 26 15.43 17.05 0.18
CA ARG B 26 16.55 17.94 0.51
C ARG B 26 16.12 19.40 0.67
N LYS B 27 14.81 19.62 0.62
CA LYS B 27 14.22 20.95 0.83
C LYS B 27 14.72 21.97 -0.18
N GLU B 28 14.92 21.49 -1.41
CA GLU B 28 15.35 22.34 -2.51
C GLU B 28 14.15 22.90 -3.26
N ILE B 29 13.01 22.22 -3.12
CA ILE B 29 11.73 22.73 -3.58
C ILE B 29 10.72 22.55 -2.46
N PRO B 30 9.72 23.46 -2.39
CA PRO B 30 8.80 23.48 -1.26
C PRO B 30 7.80 22.33 -1.26
N ALA B 31 7.37 21.98 -0.06
CA ALA B 31 6.34 21.00 0.12
C ALA B 31 5.60 21.28 1.43
N LYS B 32 4.39 20.76 1.52
CA LYS B 32 3.60 20.91 2.74
C LYS B 32 3.79 19.63 3.54
N ILE B 33 4.75 19.66 4.48
N ILE B 33 4.74 19.67 4.46
CA ILE B 33 5.20 18.45 5.16
CA ILE B 33 5.18 18.51 5.21
C ILE B 33 4.39 18.16 6.42
C ILE B 33 4.25 18.20 6.36
N ILE B 34 3.95 16.92 6.53
CA ILE B 34 3.09 16.48 7.63
C ILE B 34 3.94 15.81 8.70
N PHE B 35 4.94 15.04 8.27
CA PHE B 35 5.76 14.25 9.18
C PHE B 35 7.13 13.99 8.57
N GLU B 36 8.17 13.97 9.41
CA GLU B 36 9.49 13.64 8.92
C GLU B 36 10.25 12.88 9.98
N ASP B 37 10.89 11.79 9.57
CA ASP B 37 11.89 11.15 10.43
C ASP B 37 13.13 10.74 9.65
N ASP B 38 14.00 9.92 10.23
CA ASP B 38 15.24 9.56 9.56
C ASP B 38 15.03 8.66 8.35
N ARG B 39 13.85 8.02 8.26
CA ARG B 39 13.59 7.06 7.20
C ARG B 39 12.62 7.52 6.14
N CYS B 40 11.80 8.52 6.45
CA CYS B 40 10.73 8.86 5.52
C CYS B 40 10.21 10.26 5.71
N LEU B 41 9.33 10.66 4.79
CA LEU B 41 8.77 11.99 4.77
C LEU B 41 7.34 11.86 4.25
N ALA B 42 6.40 12.56 4.91
CA ALA B 42 5.01 12.59 4.46
C ALA B 42 4.64 14.04 4.12
N PHE B 43 4.00 14.24 2.97
CA PHE B 43 3.66 15.59 2.53
C PHE B 43 2.42 15.54 1.65
N HIS B 44 1.69 16.65 1.58
CA HIS B 44 0.45 16.70 0.80
C HIS B 44 0.71 16.68 -0.70
N ASP B 45 -0.16 15.97 -1.41
CA ASP B 45 -0.08 15.91 -2.87
C ASP B 45 -0.53 17.23 -3.51
N ILE B 46 0.19 17.67 -4.53
CA ILE B 46 -0.10 18.93 -5.22
C ILE B 46 -1.36 18.85 -6.10
N SER B 47 -1.77 17.62 -6.42
CA SER B 47 -2.95 17.40 -7.24
CA SER B 47 -2.95 17.40 -7.24
C SER B 47 -3.85 16.41 -6.52
N PRO B 48 -4.49 16.86 -5.44
CA PRO B 48 -5.27 15.94 -4.60
C PRO B 48 -6.48 15.34 -5.32
N GLN B 49 -6.67 14.04 -5.09
CA GLN B 49 -7.78 13.32 -5.70
C GLN B 49 -8.87 13.03 -4.68
N ALA B 50 -8.68 13.52 -3.46
CA ALA B 50 -9.67 13.40 -2.39
C ALA B 50 -9.45 14.60 -1.48
N PRO B 51 -10.40 14.88 -0.60
CA PRO B 51 -10.27 16.08 0.25
C PRO B 51 -8.97 16.08 1.06
N THR B 52 -8.52 14.90 1.49
CA THR B 52 -7.17 14.72 2.02
C THR B 52 -6.45 13.75 1.12
N HIS B 53 -5.26 14.11 0.67
CA HIS B 53 -4.47 13.24 -0.18
C HIS B 53 -3.00 13.58 0.05
N PHE B 54 -2.27 12.67 0.67
CA PHE B 54 -0.86 12.90 0.95
C PHE B 54 -0.03 11.69 0.53
N LEU B 55 1.28 11.87 0.51
CA LEU B 55 2.23 10.83 0.10
C LEU B 55 3.17 10.56 1.25
N VAL B 56 3.55 9.29 1.42
CA VAL B 56 4.64 8.91 2.32
C VAL B 56 5.74 8.28 1.49
N ILE B 57 6.95 8.83 1.60
CA ILE B 57 8.05 8.38 0.76
C ILE B 57 9.27 8.04 1.62
N PRO B 58 10.05 7.05 1.19
CA PRO B 58 11.29 6.77 1.90
C PRO B 58 12.34 7.82 1.57
N LYS B 59 13.23 8.13 2.51
CA LYS B 59 14.35 9.00 2.20
C LYS B 59 15.42 8.29 1.34
N LYS B 60 15.54 6.97 1.50
CA LYS B 60 16.34 6.16 0.60
C LYS B 60 15.65 6.06 -0.75
N HIS B 61 16.37 6.37 -1.83
CA HIS B 61 15.77 6.22 -3.15
C HIS B 61 15.63 4.75 -3.56
N ILE B 62 14.38 4.35 -3.77
CA ILE B 62 14.05 3.10 -4.42
C ILE B 62 13.14 3.54 -5.54
N SER B 63 13.41 3.11 -6.76
CA SER B 63 12.71 3.68 -7.92
C SER B 63 11.25 3.28 -8.01
N GLN B 64 10.92 2.06 -7.57
CA GLN B 64 9.59 1.50 -7.73
C GLN B 64 9.52 0.20 -6.93
N ILE B 65 8.32 -0.21 -6.55
CA ILE B 65 8.19 -1.34 -5.65
C ILE B 65 8.72 -2.63 -6.28
N SER B 66 8.65 -2.72 -7.61
CA SER B 66 9.11 -3.92 -8.30
C SER B 66 10.60 -4.21 -8.13
N VAL B 67 11.40 -3.20 -7.76
CA VAL B 67 12.83 -3.42 -7.55
C VAL B 67 13.26 -3.36 -6.07
N ALA B 68 12.29 -3.24 -5.16
CA ALA B 68 12.60 -3.27 -3.73
C ALA B 68 13.27 -4.58 -3.33
N GLU B 69 14.24 -4.49 -2.42
CA GLU B 69 14.99 -5.66 -1.96
C GLU B 69 14.34 -6.27 -0.72
N ASP B 70 14.66 -7.53 -0.43
CA ASP B 70 14.11 -8.16 0.77
C ASP B 70 14.45 -7.34 2.01
N ASP B 71 15.64 -6.73 2.01
CA ASP B 71 16.09 -5.95 3.17
C ASP B 71 15.35 -4.63 3.32
N ASP B 72 14.49 -4.29 2.36
CA ASP B 72 13.69 -3.07 2.42
C ASP B 72 12.36 -3.29 3.14
N GLU B 73 12.12 -4.49 3.66
CA GLU B 73 10.83 -4.78 4.27
C GLU B 73 10.44 -3.85 5.41
N SER B 74 11.34 -3.63 6.36
CA SER B 74 11.02 -2.78 7.50
CA SER B 74 11.00 -2.78 7.51
C SER B 74 10.70 -1.36 7.05
N LEU B 75 11.46 -0.87 6.07
CA LEU B 75 11.25 0.47 5.54
C LEU B 75 9.88 0.61 4.89
N LEU B 76 9.52 -0.37 4.06
CA LEU B 76 8.23 -0.33 3.39
C LEU B 76 7.08 -0.39 4.38
N GLY B 77 7.20 -1.27 5.36
CA GLY B 77 6.23 -1.34 6.45
C GLY B 77 6.15 -0.03 7.23
N HIS B 78 7.29 0.61 7.46
CA HIS B 78 7.31 1.89 8.15
C HIS B 78 6.53 2.94 7.37
N LEU B 79 6.61 2.92 6.04
CA LEU B 79 5.79 3.85 5.28
C LEU B 79 4.30 3.68 5.61
N MET B 80 3.84 2.44 5.73
CA MET B 80 2.44 2.18 6.01
CA MET B 80 2.43 2.20 6.01
C MET B 80 2.05 2.61 7.44
N ILE B 81 2.92 2.34 8.40
CA ILE B 81 2.68 2.75 9.77
CA ILE B 81 2.65 2.75 9.76
C ILE B 81 2.63 4.27 9.88
N VAL B 82 3.56 4.95 9.22
CA VAL B 82 3.54 6.41 9.21
C VAL B 82 2.29 6.92 8.49
N GLY B 83 1.91 6.27 7.40
CA GLY B 83 0.69 6.64 6.69
C GLY B 83 -0.54 6.56 7.58
N LYS B 84 -0.67 5.47 8.32
CA LYS B 84 -1.84 5.33 9.17
C LYS B 84 -1.80 6.29 10.36
N LYS B 85 -0.61 6.54 10.89
CA LYS B 85 -0.47 7.51 11.98
C LYS B 85 -0.82 8.93 11.53
N CYS B 86 -0.31 9.32 10.36
CA CYS B 86 -0.63 10.63 9.82
C CYS B 86 -2.12 10.76 9.51
N ALA B 87 -2.73 9.69 8.99
CA ALA B 87 -4.16 9.72 8.70
C ALA B 87 -4.96 9.97 9.97
N ALA B 88 -4.56 9.33 11.06
CA ALA B 88 -5.23 9.54 12.34
C ALA B 88 -5.02 10.96 12.83
N ASP B 89 -3.80 11.47 12.71
CA ASP B 89 -3.47 12.82 13.17
C ASP B 89 -4.22 13.87 12.35
N LEU B 90 -4.51 13.55 11.09
CA LEU B 90 -5.26 14.45 10.21
C LEU B 90 -6.78 14.26 10.33
N GLY B 91 -7.19 13.36 11.23
CA GLY B 91 -8.60 13.22 11.53
C GLY B 91 -9.42 12.42 10.54
N LEU B 92 -8.78 11.49 9.84
CA LEU B 92 -9.48 10.62 8.90
C LEU B 92 -10.12 9.42 9.61
N ASN B 93 -11.02 9.76 10.52
CA ASN B 93 -11.65 8.77 11.40
CA ASN B 93 -11.64 8.76 11.40
C ASN B 93 -12.65 7.85 10.70
N LYS B 94 -13.07 8.24 9.48
CA LYS B 94 -14.03 7.42 8.75
C LYS B 94 -13.35 6.49 7.75
N GLY B 95 -12.03 6.56 7.67
CA GLY B 95 -11.27 5.67 6.81
C GLY B 95 -10.50 6.36 5.71
N TYR B 96 -9.83 5.55 4.89
CA TYR B 96 -8.96 6.06 3.84
C TYR B 96 -8.49 4.90 2.99
N ARG B 97 -7.83 5.23 1.89
CA ARG B 97 -7.28 4.23 0.99
C ARG B 97 -5.80 4.51 0.78
N MET B 98 -4.99 3.46 0.86
CA MET B 98 -3.56 3.56 0.60
C MET B 98 -3.30 2.94 -0.77
N VAL B 99 -2.42 3.56 -1.56
CA VAL B 99 -2.17 3.08 -2.92
C VAL B 99 -0.69 3.17 -3.25
N VAL B 100 -0.14 2.12 -3.86
CA VAL B 100 1.19 2.20 -4.47
C VAL B 100 1.01 1.90 -5.95
N ASN B 101 1.48 2.82 -6.79
CA ASN B 101 1.46 2.64 -8.23
C ASN B 101 2.79 2.13 -8.74
N GLU B 102 2.76 1.13 -9.62
CA GLU B 102 3.97 0.56 -10.21
C GLU B 102 3.89 0.61 -11.73
N GLY B 103 4.86 1.28 -12.35
CA GLY B 103 5.02 1.20 -13.79
C GLY B 103 3.90 1.83 -14.60
N SER B 104 3.87 1.50 -15.89
CA SER B 104 2.94 2.12 -16.82
C SER B 104 1.48 1.80 -16.52
N ASP B 105 1.19 0.51 -16.32
CA ASP B 105 -0.19 0.09 -16.06
C ASP B 105 -0.65 0.58 -14.69
N GLY B 106 0.30 0.81 -13.79
CA GLY B 106 -0.04 1.33 -12.47
C GLY B 106 -0.25 2.82 -12.47
N GLY B 107 0.13 3.48 -13.56
CA GLY B 107 0.04 4.92 -13.68
C GLY B 107 1.08 5.64 -12.83
N GLN B 108 2.25 5.03 -12.66
CA GLN B 108 3.32 5.69 -11.91
C GLN B 108 3.97 6.80 -12.74
N SER B 109 4.02 8.02 -12.21
CA SER B 109 4.62 9.12 -12.95
C SER B 109 5.94 9.61 -12.34
N VAL B 110 6.17 9.29 -11.08
CA VAL B 110 7.41 9.62 -10.41
C VAL B 110 8.07 8.32 -9.95
N TYR B 111 9.29 8.07 -10.45
CA TYR B 111 10.00 6.83 -10.13
C TYR B 111 10.85 6.93 -8.85
N HIS B 112 10.12 7.16 -7.76
CA HIS B 112 10.63 7.09 -6.40
C HIS B 112 9.45 6.48 -5.67
N VAL B 113 9.65 5.33 -5.04
CA VAL B 113 8.52 4.62 -4.46
CA VAL B 113 8.57 4.60 -4.37
C VAL B 113 7.79 5.51 -3.44
N HIS B 114 6.46 5.44 -3.50
CA HIS B 114 5.66 6.29 -2.60
C HIS B 114 4.30 5.68 -2.34
N LEU B 115 3.79 5.95 -1.14
CA LEU B 115 2.48 5.49 -0.73
C LEU B 115 1.50 6.66 -0.74
N HIS B 116 0.46 6.58 -1.55
CA HIS B 116 -0.62 7.57 -1.50
C HIS B 116 -1.55 7.22 -0.35
N VAL B 117 -2.03 8.22 0.37
CA VAL B 117 -3.10 8.03 1.35
C VAL B 117 -4.20 9.02 1.00
N LEU B 118 -5.40 8.52 0.70
CA LEU B 118 -6.53 9.35 0.29
C LEU B 118 -7.72 9.15 1.23
N GLY B 119 -8.36 10.26 1.61
CA GLY B 119 -9.54 10.15 2.46
C GLY B 119 -10.36 11.42 2.46
N GLY B 120 -11.38 11.44 3.31
CA GLY B 120 -12.25 12.59 3.42
C GLY B 120 -13.45 12.54 2.48
N ARG B 121 -13.56 11.45 1.73
CA ARG B 121 -14.74 11.17 0.92
C ARG B 121 -14.86 9.66 0.79
N GLN B 122 -16.03 9.21 0.34
CA GLN B 122 -16.19 7.80 0.02
C GLN B 122 -15.31 7.45 -1.19
N MET B 123 -14.45 6.45 -1.01
CA MET B 123 -13.67 5.90 -2.12
C MET B 123 -14.49 4.78 -2.77
N HIS B 124 -14.36 4.68 -4.08
CA HIS B 124 -15.19 3.77 -4.87
C HIS B 124 -14.39 2.56 -5.33
N TRP B 125 -15.12 1.58 -5.87
CA TRP B 125 -14.51 0.35 -6.37
C TRP B 125 -14.96 0.20 -7.81
N PRO B 126 -14.05 -0.22 -8.71
CA PRO B 126 -12.65 -0.60 -8.47
C PRO B 126 -11.78 0.61 -8.19
N PRO B 127 -10.57 0.40 -7.70
CA PRO B 127 -9.69 1.50 -7.33
C PRO B 127 -8.92 1.96 -8.57
N GLY B 128 -9.65 2.49 -9.55
CA GLY B 128 -9.09 2.81 -10.85
C GLY B 128 -9.12 1.61 -11.77
N1 EPE C . 7.34 14.16 -13.66
C2 EPE C . 7.51 15.56 -13.22
C6 EPE C . 6.06 13.64 -13.16
C9 EPE C . 8.44 13.36 -13.13
C10 EPE C . 9.53 14.30 -12.61
S EPE C . 10.86 13.42 -12.15
O1S EPE C . 10.76 13.12 -10.76
O2S EPE C . 10.95 12.21 -12.89
O3S EPE C . 12.20 14.33 -12.40
CB KAA D . -0.49 11.13 -11.79
CA KAA D . -0.28 9.62 -11.85
N KAA D . -1.56 8.97 -12.06
C KAA D . 0.31 9.14 -10.56
O KAA D . -0.42 8.80 -9.64
N8 KAA D . 1.63 9.09 -10.50
S1 KAA D . 2.37 8.57 -9.17
O1S KAA D . 1.83 7.30 -8.78
O2S KAA D . 3.77 8.47 -9.41
O5' KAA D . 2.11 9.57 -8.05
C5' KAA D . 2.91 10.75 -7.98
C4' KAA D . 2.13 11.79 -7.18
O4' KAA D . 3.01 12.82 -6.75
C3' KAA D . 1.04 12.43 -8.03
O3' KAA D . -0.21 12.28 -7.35
C2' KAA D . 1.43 13.90 -8.09
O2' KAA D . 0.27 14.73 -7.94
C1' KAA D . 2.35 14.07 -6.90
N9 KAA D . 3.34 15.16 -7.09
C8 KAA D . 4.06 15.41 -8.19
N7 KAA D . 4.86 16.49 -8.01
C5 KAA D . 4.64 16.95 -6.76
C4 KAA D . 3.64 16.06 -6.16
N3 KAA D . 3.23 16.29 -4.89
C2 KAA D . 3.73 17.31 -4.18
N1 KAA D . 4.66 18.16 -4.66
C6 KAA D . 5.15 18.05 -5.92
N6 KAA D . 6.08 18.91 -6.40
#